data_8YAC
#
_entry.id   8YAC
#
_cell.length_a   1.00
_cell.length_b   1.00
_cell.length_c   1.00
_cell.angle_alpha   90.00
_cell.angle_beta   90.00
_cell.angle_gamma   90.00
#
_symmetry.space_group_name_H-M   'P 1'
#
_entity_poly.entity_id   1
_entity_poly.type   'polypeptide(L)'
_entity_poly.pdbx_seq_one_letter_code
;QLHQQQHQQQHQQHQQHQQQQQLHQHQQQLS
;
_entity_poly.pdbx_strand_id   A,B,C,D,E,F,G,H,I
#
# COMPACT_ATOMS: atom_id res chain seq x y z
N GLN A 1 30.09 31.47 -1.54
CA GLN A 1 30.28 30.07 -1.99
C GLN A 1 29.42 29.11 -1.15
N LEU A 2 28.69 28.22 -1.82
CA LEU A 2 27.84 27.19 -1.19
C LEU A 2 28.10 25.81 -1.83
N HIS A 3 28.27 24.80 -0.98
CA HIS A 3 28.43 23.40 -1.43
C HIS A 3 27.30 22.61 -0.77
N GLN A 4 26.70 21.65 -1.42
CA GLN A 4 25.58 20.84 -0.87
C GLN A 4 25.71 19.41 -1.41
N GLN A 5 26.16 18.44 -0.65
CA GLN A 5 26.29 17.02 -0.99
C GLN A 5 25.20 16.16 -0.33
N GLN A 6 24.54 15.30 -1.11
CA GLN A 6 23.60 14.28 -0.63
C GLN A 6 23.93 12.92 -1.21
N HIS A 7 23.98 11.91 -0.34
CA HIS A 7 24.30 10.52 -0.75
C HIS A 7 23.35 9.54 -0.08
N GLN A 8 22.79 8.58 -0.81
CA GLN A 8 21.92 7.52 -0.29
C GLN A 8 22.30 6.15 -0.85
N GLN A 9 22.22 5.11 -0.01
CA GLN A 9 22.59 3.75 -0.44
C GLN A 9 21.63 2.71 0.13
N GLN A 10 21.18 1.76 -0.68
CA GLN A 10 20.42 0.58 -0.24
C GLN A 10 21.07 -0.69 -0.82
N HIS A 11 21.73 -1.50 0.01
CA HIS A 11 22.36 -2.76 -0.43
C HIS A 11 21.52 -3.92 0.12
N GLN A 12 21.34 -4.98 -0.62
CA GLN A 12 20.52 -6.16 -0.23
C GLN A 12 21.23 -7.41 -0.77
N GLN A 13 21.21 -8.54 -0.11
CA GLN A 13 21.97 -9.77 -0.43
C GLN A 13 21.31 -11.04 0.13
N HIS A 14 21.51 -12.18 -0.56
CA HIS A 14 20.96 -13.50 -0.14
C HIS A 14 19.53 -13.32 0.34
N GLN A 15 18.63 -12.73 -0.42
CA GLN A 15 17.24 -12.43 0.04
C GLN A 15 16.21 -13.36 -0.61
N GLN A 16 15.05 -13.56 0.01
CA GLN A 16 13.94 -14.37 -0.53
C GLN A 16 12.61 -13.77 -0.02
N HIS A 17 11.54 -13.90 -0.79
CA HIS A 17 10.18 -13.45 -0.38
C HIS A 17 10.21 -11.97 0.02
N GLN A 18 10.76 -11.08 -0.82
CA GLN A 18 10.65 -9.61 -0.54
C GLN A 18 9.37 -9.13 -1.26
N GLN A 19 8.23 -9.77 -0.96
CA GLN A 19 6.98 -9.44 -1.67
C GLN A 19 6.49 -8.06 -1.20
N GLN A 20 5.75 -7.36 -2.05
CA GLN A 20 5.15 -6.02 -1.75
C GLN A 20 6.18 -5.14 -1.02
N GLN A 21 7.49 -5.26 -1.47
CA GLN A 21 8.56 -4.48 -0.83
C GLN A 21 8.59 -3.09 -1.46
N GLN A 22 8.99 -2.02 -0.68
CA GLN A 22 9.23 -0.72 -1.28
C GLN A 22 10.55 -0.15 -0.80
N LEU A 23 11.42 0.26 -1.72
CA LEU A 23 12.61 1.04 -1.41
C LEU A 23 12.41 2.44 -1.99
N HIS A 24 12.42 3.44 -1.12
CA HIS A 24 12.20 4.84 -1.53
C HIS A 24 13.49 5.60 -1.25
N GLN A 25 14.01 6.36 -2.19
CA GLN A 25 15.18 7.24 -2.00
C GLN A 25 14.64 8.60 -2.45
N HIS A 26 14.69 9.64 -1.62
CA HIS A 26 14.05 10.95 -1.92
C HIS A 26 15.05 12.03 -1.54
N GLN A 27 15.30 12.99 -2.43
CA GLN A 27 16.27 14.05 -2.18
C GLN A 27 15.78 15.38 -2.73
N GLN A 28 15.92 16.46 -1.95
CA GLN A 28 15.66 17.82 -2.39
C GLN A 28 16.73 18.80 -1.90
N GLN A 29 17.10 19.78 -2.72
CA GLN A 29 18.01 20.87 -2.35
C GLN A 29 17.47 22.21 -2.87
N LEU A 30 17.48 23.25 -2.05
CA LEU A 30 16.90 24.57 -2.38
C LEU A 30 17.87 25.72 -2.09
N SER A 31 17.61 26.86 -2.73
CA SER A 31 18.33 28.14 -2.53
C SER A 31 17.49 29.35 -2.95
N GLN B 1 -42.09 10.76 2.79
CA GLN B 1 -41.05 11.50 2.05
C GLN B 1 -39.69 11.36 2.73
N LEU B 2 -38.65 11.05 1.95
CA LEU B 2 -37.26 10.90 2.41
C LEU B 2 -36.31 11.68 1.48
N HIS B 3 -35.40 12.45 2.09
CA HIS B 3 -34.35 13.19 1.34
C HIS B 3 -33.02 12.69 1.91
N GLN B 4 -31.99 12.53 1.10
CA GLN B 4 -30.66 12.04 1.56
C GLN B 4 -29.58 12.74 0.73
N GLN B 5 -28.86 13.72 1.24
CA GLN B 5 -27.77 14.45 0.60
C GLN B 5 -26.40 14.03 1.14
N GLN B 6 -25.45 13.73 0.25
CA GLN B 6 -24.04 13.49 0.57
C GLN B 6 -23.11 14.33 -0.30
N HIS B 7 -22.15 14.99 0.33
CA HIS B 7 -21.18 15.87 -0.39
C HIS B 7 -19.78 15.62 0.15
N GLN B 8 -18.79 15.48 -0.73
CA GLN B 8 -17.37 15.32 -0.38
C GLN B 8 -16.48 16.22 -1.25
N GLN B 9 -15.43 16.77 -0.64
CA GLN B 9 -14.51 17.67 -1.36
C GLN B 9 -13.06 17.44 -0.96
N GLN B 10 -12.13 17.37 -1.92
CA GLN B 10 -10.69 17.35 -1.68
C GLN B 10 -10.02 18.41 -2.54
N HIS B 11 -9.52 19.50 -1.95
CA HIS B 11 -8.83 20.58 -2.71
C HIS B 11 -7.34 20.50 -2.34
N GLN B 12 -6.44 20.72 -3.27
CA GLN B 12 -4.98 20.64 -3.08
C GLN B 12 -4.35 21.76 -3.92
N GLN B 13 -3.27 22.39 -3.50
CA GLN B 13 -2.65 23.60 -4.13
C GLN B 13 -1.16 23.71 -3.80
N HIS B 14 -0.39 24.31 -4.72
CA HIS B 14 1.07 24.53 -4.56
C HIS B 14 1.71 23.29 -3.94
N GLN B 15 1.55 22.11 -4.50
CA GLN B 15 2.04 20.85 -3.88
C GLN B 15 3.27 20.30 -4.63
N GLN B 16 4.09 19.50 -3.99
CA GLN B 16 5.27 18.82 -4.60
C GLN B 16 5.51 17.48 -3.89
N HIS B 17 6.03 16.48 -4.60
CA HIS B 17 6.38 15.16 -4.00
C HIS B 17 5.16 14.55 -3.30
N GLN B 18 4.01 14.46 -3.98
CA GLN B 18 2.85 13.72 -3.39
C GLN B 18 2.97 12.27 -3.89
N GLN B 19 4.12 11.64 -3.65
CA GLN B 19 4.37 10.27 -4.19
C GLN B 19 3.51 9.28 -3.40
N GLN B 20 3.15 8.16 -4.03
CA GLN B 20 2.35 7.06 -3.42
C GLN B 20 1.19 7.65 -2.61
N GLN B 21 0.58 8.75 -3.16
CA GLN B 21 -0.53 9.42 -2.45
C GLN B 21 -1.82 8.68 -2.78
N GLN B 22 -2.82 8.64 -1.82
CA GLN B 22 -4.15 8.13 -2.15
C GLN B 22 -5.22 9.08 -1.66
N LEU B 23 -6.13 9.48 -2.53
CA LEU B 23 -7.36 10.18 -2.16
C LEU B 23 -8.53 9.25 -2.41
N HIS B 24 -9.27 8.92 -1.36
CA HIS B 24 -10.42 7.99 -1.45
C HIS B 24 -11.66 8.80 -1.11
N GLN B 25 -12.70 8.73 -1.92
CA GLN B 25 -14.02 9.35 -1.63
C GLN B 25 -14.97 8.16 -1.73
N HIS B 26 -15.76 7.85 -0.72
CA HIS B 26 -16.60 6.63 -0.69
C HIS B 26 -17.98 7.03 -0.17
N GLN B 27 -19.05 6.65 -0.86
CA GLN B 27 -20.41 7.01 -0.47
C GLN B 27 -21.38 5.87 -0.68
N GLN B 28 -22.25 5.61 0.30
CA GLN B 28 -23.35 4.66 0.16
C GLN B 28 -24.65 5.20 0.77
N GLN B 29 -25.80 4.92 0.15
CA GLN B 29 -27.12 5.24 0.67
C GLN B 29 -28.07 4.05 0.47
N LEU B 30 -28.84 3.69 1.50
CA LEU B 30 -29.72 2.51 1.50
C LEU B 30 -31.15 2.85 1.95
N SER B 31 -32.10 1.98 1.58
CA SER B 31 -33.52 2.02 1.98
C SER B 31 -34.19 0.64 1.89
N GLN C 1 12.27 -40.99 8.16
CA GLN C 1 11.00 -40.57 7.50
C GLN C 1 10.54 -39.22 8.03
N LEU C 2 10.18 -38.30 7.14
CA LEU C 2 9.67 -36.95 7.45
C LEU C 2 8.40 -36.66 6.64
N HIS C 3 7.37 -36.15 7.31
CA HIS C 3 6.11 -35.71 6.67
C HIS C 3 5.94 -34.23 7.02
N GLN C 4 5.46 -33.40 6.12
CA GLN C 4 5.28 -31.94 6.36
C GLN C 4 4.02 -31.50 5.61
N GLN C 5 2.89 -31.26 6.26
CA GLN C 5 1.64 -30.77 5.70
C GLN C 5 1.38 -29.29 6.04
N GLN C 6 1.02 -28.48 5.04
CA GLN C 6 0.58 -27.09 5.20
C GLN C 6 -0.72 -26.85 4.45
N HIS C 7 -1.69 -26.23 5.14
CA HIS C 7 -3.01 -25.93 4.55
C HIS C 7 -3.44 -24.51 4.91
N GLN C 8 -3.95 -23.74 3.95
CA GLN C 8 -4.46 -22.38 4.15
C GLN C 8 -5.79 -22.19 3.43
N GLN C 9 -6.70 -21.44 4.06
CA GLN C 9 -8.04 -21.20 3.47
C GLN C 9 -8.51 -19.76 3.70
N GLN C 10 -9.05 -19.09 2.69
CA GLN C 10 -9.72 -17.80 2.82
C GLN C 10 -11.09 -17.87 2.13
N HIS C 11 -12.18 -17.88 2.90
CA HIS C 11 -13.56 -17.91 2.34
C HIS C 11 -14.18 -16.53 2.57
N GLN C 12 -14.95 -16.03 1.64
CA GLN C 12 -15.60 -14.69 1.71
C GLN C 12 -16.99 -14.82 1.07
N GLN C 13 -18.01 -14.12 1.52
CA GLN C 13 -19.43 -14.26 1.12
C GLN C 13 -20.23 -12.98 1.35
N HIS C 14 -21.26 -12.75 0.52
CA HIS C 14 -22.17 -11.58 0.62
C HIS C 14 -21.32 -10.34 0.91
N GLN C 15 -20.32 -10.00 0.14
CA GLN C 15 -19.41 -8.86 0.43
C GLN C 15 -19.65 -7.67 -0.50
N GLN C 16 -19.29 -6.46 -0.11
CA GLN C 16 -19.39 -5.23 -0.93
C GLN C 16 -18.26 -4.28 -0.52
N HIS C 17 -17.78 -3.47 -1.47
CA HIS C 17 -16.74 -2.43 -1.20
C HIS C 17 -15.51 -3.07 -0.54
N GLN C 18 -14.95 -4.13 -1.13
CA GLN C 18 -13.65 -4.68 -0.64
C GLN C 18 -12.54 -3.97 -1.43
N GLN C 19 -12.56 -2.64 -1.42
CA GLN C 19 -11.59 -1.86 -2.24
C GLN C 19 -10.19 -2.00 -1.63
N GLN C 20 -9.15 -1.88 -2.44
CA GLN C 20 -7.72 -1.93 -2.02
C GLN C 20 -7.52 -3.08 -1.01
N GLN C 21 -8.25 -4.22 -1.28
CA GLN C 21 -8.16 -5.38 -0.35
C GLN C 21 -6.92 -6.21 -0.74
N GLN C 22 -6.25 -6.89 0.26
CA GLN C 22 -5.20 -7.84 -0.06
C GLN C 22 -5.40 -9.14 0.70
N LEU C 23 -5.42 -10.27 0.00
CA LEU C 23 -5.35 -11.59 0.60
C LEU C 23 -4.00 -12.20 0.24
N HIS C 24 -3.20 -12.50 1.26
CA HIS C 24 -1.84 -13.06 1.06
C HIS C 24 -1.86 -14.47 1.65
N GLN C 25 -1.39 -15.46 0.93
CA GLN C 25 -1.22 -16.84 1.44
C GLN C 25 0.26 -17.12 1.16
N HIS C 26 1.06 -17.48 2.14
CA HIS C 26 2.53 -17.62 1.98
C HIS C 26 2.95 -18.91 2.67
N GLN C 27 3.72 -19.76 2.01
CA GLN C 27 4.13 -21.04 2.57
C GLN C 27 5.58 -21.36 2.19
N GLN C 28 6.37 -21.83 3.15
CA GLN C 28 7.71 -22.35 2.91
C GLN C 28 8.00 -23.63 3.72
N GLN C 29 8.72 -24.58 3.13
CA GLN C 29 9.18 -25.80 3.81
C GLN C 29 10.64 -26.08 3.44
N LEU C 30 11.48 -26.41 4.41
CA LEU C 30 12.92 -26.60 4.23
C LEU C 30 13.42 -27.92 4.85
N SER C 31 14.58 -28.37 4.39
CA SER C 31 15.31 -29.55 4.90
C SER C 31 16.81 -29.49 4.56
N GLN D 1 -41.73 12.56 7.36
CA GLN D 1 -40.67 13.27 6.61
C GLN D 1 -39.32 13.10 7.31
N LEU D 2 -38.29 12.74 6.55
CA LEU D 2 -36.90 12.57 7.01
C LEU D 2 -35.92 13.31 6.07
N HIS D 3 -34.99 14.06 6.68
CA HIS D 3 -33.92 14.76 5.94
C HIS D 3 -32.61 14.23 6.52
N GLN D 4 -31.58 14.02 5.72
CA GLN D 4 -30.27 13.51 6.19
C GLN D 4 -29.17 14.17 5.35
N GLN D 5 -28.43 15.13 5.87
CA GLN D 5 -27.30 15.82 5.22
C GLN D 5 -25.95 15.36 5.78
N GLN D 6 -25.00 15.04 4.90
CA GLN D 6 -23.60 14.75 5.24
C GLN D 6 -22.65 15.55 4.36
N HIS D 7 -21.67 16.21 4.99
CA HIS D 7 -20.68 17.05 4.27
C HIS D 7 -19.28 16.76 4.81
N GLN D 8 -18.28 16.59 3.94
CA GLN D 8 -16.88 16.38 4.30
C GLN D 8 -15.95 17.25 3.44
N GLN D 9 -14.89 17.78 4.05
CA GLN D 9 -13.94 18.65 3.32
C GLN D 9 -12.49 18.37 3.74
N GLN D 10 -11.57 18.27 2.79
CA GLN D 10 -10.12 18.21 3.04
C GLN D 10 -9.42 19.25 2.16
N HIS D 11 -8.90 20.33 2.75
CA HIS D 11 -8.17 21.38 1.99
C HIS D 11 -6.69 21.26 2.37
N GLN D 12 -5.79 21.45 1.45
CA GLN D 12 -4.32 21.33 1.65
C GLN D 12 -3.65 22.42 0.80
N GLN D 13 -2.56 23.03 1.22
CA GLN D 13 -1.90 24.20 0.59
C GLN D 13 -0.41 24.28 0.93
N HIS D 14 0.39 24.85 0.00
CA HIS D 14 1.86 25.04 0.18
C HIS D 14 2.44 23.78 0.80
N GLN D 15 2.25 22.60 0.25
CA GLN D 15 2.71 21.33 0.88
C GLN D 15 3.92 20.73 0.14
N GLN D 16 4.72 19.91 0.79
CA GLN D 16 5.89 19.21 0.20
C GLN D 16 6.07 17.86 0.92
N HIS D 17 6.58 16.85 0.22
CA HIS D 17 6.89 15.52 0.83
C HIS D 17 5.65 14.95 1.53
N GLN D 18 4.49 14.88 0.85
CA GLN D 18 3.31 14.18 1.43
C GLN D 18 3.39 12.72 0.94
N GLN D 19 4.52 12.06 1.19
CA GLN D 19 4.73 10.69 0.67
C GLN D 19 3.84 9.72 1.44
N GLN D 20 3.46 8.61 0.83
CA GLN D 20 2.62 7.53 1.44
C GLN D 20 1.47 8.16 2.25
N GLN D 21 0.90 9.28 1.68
CA GLN D 21 -0.20 9.99 2.38
C GLN D 21 -1.52 9.28 2.05
N GLN D 22 -2.52 9.28 2.99
CA GLN D 22 -3.86 8.80 2.67
C GLN D 22 -4.90 9.79 3.14
N LEU D 23 -5.80 10.21 2.26
CA LEU D 23 -7.00 10.94 2.63
C LEU D 23 -8.20 10.04 2.37
N HIS D 24 -8.96 9.75 3.42
CA HIS D 24 -10.13 8.85 3.33
C HIS D 24 -11.35 9.70 3.66
N GLN D 25 -12.39 9.65 2.85
CA GLN D 25 -13.68 10.31 3.12
C GLN D 25 -14.67 9.15 3.02
N HIS D 26 -15.49 8.87 4.03
CA HIS D 26 -16.36 7.67 4.06
C HIS D 26 -17.72 8.12 4.57
N GLN D 27 -18.80 7.76 3.89
CA GLN D 27 -20.15 8.17 4.26
C GLN D 27 -21.15 7.04 4.05
N GLN D 28 -22.04 6.83 5.02
CA GLN D 28 -23.17 5.90 4.89
C GLN D 28 -24.45 6.49 5.48
N GLN D 29 -25.60 6.23 4.86
CA GLN D 29 -26.92 6.60 5.37
C GLN D 29 -27.90 5.44 5.17
N LEU D 30 -28.70 5.11 6.19
CA LEU D 30 -29.60 3.95 6.20
C LEU D 30 -31.03 4.34 6.64
N SER D 31 -31.99 3.49 6.27
CA SER D 31 -33.41 3.57 6.67
C SER D 31 -34.12 2.22 6.58
N GLN E 1 -42.52 9.14 -1.85
CA GLN E 1 -41.50 9.91 -2.60
C GLN E 1 -40.14 9.80 -1.93
N LEU E 2 -39.10 9.52 -2.70
CA LEU E 2 -37.70 9.40 -2.25
C LEU E 2 -36.77 10.21 -3.18
N HIS E 3 -35.88 10.99 -2.57
CA HIS E 3 -34.84 11.77 -3.31
C HIS E 3 -33.50 11.30 -2.75
N GLN E 4 -32.48 11.16 -3.56
CA GLN E 4 -31.13 10.70 -3.11
C GLN E 4 -30.07 11.43 -3.95
N GLN E 5 -29.38 12.42 -3.43
CA GLN E 5 -28.30 13.17 -4.08
C GLN E 5 -26.92 12.79 -3.54
N GLN E 6 -25.97 12.52 -4.42
CA GLN E 6 -24.55 12.31 -4.11
C GLN E 6 -23.65 13.17 -4.98
N HIS E 7 -22.70 13.86 -4.35
CA HIS E 7 -21.75 14.76 -5.06
C HIS E 7 -20.34 14.55 -4.54
N GLN E 8 -19.35 14.44 -5.42
CA GLN E 8 -17.92 14.30 -5.08
C GLN E 8 -17.06 15.23 -5.93
N GLN E 9 -16.02 15.80 -5.33
CA GLN E 9 -15.13 16.73 -6.04
C GLN E 9 -13.67 16.52 -5.65
N GLN E 10 -12.74 16.47 -6.61
CA GLN E 10 -11.30 16.49 -6.37
C GLN E 10 -10.65 17.58 -7.24
N HIS E 11 -10.20 18.67 -6.65
CA HIS E 11 -9.52 19.78 -7.39
C HIS E 11 -8.03 19.72 -7.03
N GLN E 12 -7.15 19.97 -7.96
CA GLN E 12 -5.67 19.93 -7.77
C GLN E 12 -5.07 21.07 -8.61
N GLN E 13 -4.01 21.72 -8.20
CA GLN E 13 -3.42 22.94 -8.81
C GLN E 13 -1.93 23.09 -8.49
N HIS E 14 -1.18 23.71 -9.41
CA HIS E 14 0.28 23.98 -9.25
C HIS E 14 0.95 22.74 -8.64
N GLN E 15 0.81 21.56 -9.20
CA GLN E 15 1.34 20.31 -8.60
C GLN E 15 2.58 19.79 -9.35
N GLN E 16 3.43 19.00 -8.72
CA GLN E 16 4.62 18.36 -9.33
C GLN E 16 4.88 17.02 -8.62
N HIS E 17 5.43 16.04 -9.35
CA HIS E 17 5.81 14.72 -8.76
C HIS E 17 4.61 14.08 -8.06
N GLN E 18 3.46 13.96 -8.73
CA GLN E 18 2.32 13.19 -8.15
C GLN E 18 2.47 11.75 -8.66
N GLN E 19 3.64 11.14 -8.43
CA GLN E 19 3.91 9.80 -8.96
C GLN E 19 3.08 8.77 -8.19
N GLN E 20 2.75 7.65 -8.81
CA GLN E 20 1.98 6.52 -8.22
C GLN E 20 0.81 7.07 -7.38
N GLN E 21 0.17 8.18 -7.93
CA GLN E 21 -0.95 8.81 -7.21
C GLN E 21 -2.23 8.04 -7.55
N GLN E 22 -3.23 7.97 -6.60
CA GLN E 22 -4.54 7.43 -6.91
C GLN E 22 -5.64 8.36 -6.42
N LEU E 23 -6.56 8.74 -7.29
CA LEU E 23 -7.81 9.41 -6.91
C LEU E 23 -8.95 8.45 -7.16
N HIS E 24 -9.68 8.11 -6.10
CA HIS E 24 -10.80 7.15 -6.21
C HIS E 24 -12.06 7.92 -5.85
N GLN E 25 -13.11 7.82 -6.66
CA GLN E 25 -14.44 8.42 -6.36
C GLN E 25 -15.36 7.21 -6.47
N HIS E 26 -16.15 6.87 -5.46
CA HIS E 26 -16.96 5.63 -5.43
C HIS E 26 -18.34 6.00 -4.90
N GLN E 27 -19.41 5.59 -5.59
CA GLN E 27 -20.77 5.93 -5.20
C GLN E 27 -21.71 4.76 -5.41
N GLN E 28 -22.57 4.47 -4.44
CA GLN E 28 -23.65 3.50 -4.57
C GLN E 28 -24.97 4.01 -3.96
N GLN E 29 -26.10 3.70 -4.58
CA GLN E 29 -27.44 3.98 -4.05
C GLN E 29 -28.35 2.78 -4.25
N LEU E 30 -29.12 2.39 -3.23
CA LEU E 30 -29.97 1.20 -3.24
C LEU E 30 -31.41 1.50 -2.77
N SER E 31 -32.33 0.60 -3.14
CA SER E 31 -33.75 0.61 -2.73
C SER E 31 -34.39 -0.78 -2.84
N GLN F 1 31.12 31.25 3.30
CA GLN F 1 31.26 29.85 2.84
C GLN F 1 30.39 28.92 3.68
N LEU F 2 29.63 28.04 3.02
CA LEU F 2 28.75 27.04 3.65
C LEU F 2 28.97 25.66 3.01
N HIS F 3 29.11 24.63 3.87
CA HIS F 3 29.24 23.23 3.42
C HIS F 3 28.08 22.48 4.07
N GLN F 4 27.46 21.53 3.40
CA GLN F 4 26.32 20.75 3.96
C GLN F 4 26.40 19.32 3.42
N GLN F 5 26.82 18.34 4.19
CA GLN F 5 26.91 16.92 3.85
C GLN F 5 25.80 16.09 4.50
N GLN F 6 25.12 15.25 3.73
CA GLN F 6 24.15 14.26 4.20
C GLN F 6 24.44 12.88 3.61
N HIS F 7 24.46 11.86 4.49
CA HIS F 7 24.75 10.47 4.08
C HIS F 7 23.76 9.52 4.76
N GLN F 8 23.18 8.57 4.02
CA GLN F 8 22.28 7.54 4.54
C GLN F 8 22.64 6.16 3.97
N GLN F 9 22.51 5.13 4.81
CA GLN F 9 22.85 3.75 4.40
C GLN F 9 21.86 2.73 4.95
N GLN F 10 21.38 1.79 4.15
CA GLN F 10 20.60 0.64 4.59
C GLN F 10 21.21 -0.64 4.01
N HIS F 11 21.84 -1.47 4.85
CA HIS F 11 22.43 -2.75 4.40
C HIS F 11 21.56 -3.89 4.95
N GLN F 12 21.35 -4.94 4.22
CA GLN F 12 20.50 -6.09 4.61
C GLN F 12 21.19 -7.37 4.07
N GLN F 13 21.13 -8.49 4.73
CA GLN F 13 21.86 -9.75 4.42
C GLN F 13 21.16 -11.00 4.97
N HIS F 14 21.34 -12.14 4.28
CA HIS F 14 20.75 -13.44 4.69
C HIS F 14 19.31 -13.22 5.17
N GLN F 15 18.44 -12.61 4.41
CA GLN F 15 17.06 -12.27 4.86
C GLN F 15 16.00 -13.18 4.22
N GLN F 16 14.84 -13.34 4.82
CA GLN F 16 13.69 -14.12 4.28
C GLN F 16 12.39 -13.49 4.78
N HIS F 17 11.31 -13.59 3.99
CA HIS F 17 9.97 -13.09 4.40
C HIS F 17 10.04 -11.62 4.80
N GLN F 18 10.61 -10.75 3.96
CA GLN F 18 10.54 -9.27 4.24
C GLN F 18 9.29 -8.76 3.51
N GLN F 19 8.13 -9.37 3.81
CA GLN F 19 6.89 -9.00 3.10
C GLN F 19 6.44 -7.61 3.55
N GLN F 20 5.71 -6.88 2.71
CA GLN F 20 5.16 -5.54 3.00
C GLN F 20 6.20 -4.68 3.73
N GLN F 21 7.50 -4.84 3.29
CA GLN F 21 8.60 -4.09 3.94
C GLN F 21 8.67 -2.70 3.30
N GLN F 22 9.10 -1.65 4.08
CA GLN F 22 9.37 -0.35 3.49
C GLN F 22 10.72 0.19 3.98
N LEU F 23 11.60 0.57 3.06
CA LEU F 23 12.80 1.33 3.37
C LEU F 23 12.65 2.72 2.79
N HIS F 24 12.68 3.73 3.66
CA HIS F 24 12.50 5.13 3.24
C HIS F 24 13.81 5.85 3.53
N GLN F 25 14.34 6.60 2.59
CA GLN F 25 15.55 7.45 2.78
C GLN F 25 15.03 8.82 2.35
N HIS F 26 15.12 9.85 3.16
CA HIS F 26 14.52 11.18 2.86
C HIS F 26 15.55 12.24 3.24
N GLN F 27 15.83 13.19 2.35
CA GLN F 27 16.83 14.22 2.60
C GLN F 27 16.37 15.57 2.06
N GLN F 28 16.54 16.64 2.83
CA GLN F 28 16.32 18.02 2.39
C GLN F 28 17.42 18.96 2.89
N GLN F 29 17.82 19.92 2.07
CA GLN F 29 18.75 21.00 2.44
C GLN F 29 18.25 22.33 1.91
N LEU F 30 18.29 23.39 2.72
CA LEU F 30 17.75 24.72 2.40
C LEU F 30 18.75 25.84 2.69
N SER F 31 18.52 26.99 2.05
CA SER F 31 19.27 28.25 2.25
C SER F 31 18.46 29.48 1.83
N GLN G 1 29.25 31.55 -6.40
CA GLN G 1 29.46 30.16 -6.86
C GLN G 1 28.64 29.19 -6.03
N LEU G 2 27.93 28.28 -6.68
CA LEU G 2 27.11 27.23 -6.06
C LEU G 2 27.40 25.86 -6.69
N HIS G 3 27.59 24.85 -5.84
CA HIS G 3 27.80 23.44 -6.28
C HIS G 3 26.67 22.64 -5.62
N GLN G 4 26.10 21.65 -6.28
CA GLN G 4 25.01 20.82 -5.74
C GLN G 4 25.17 19.39 -6.26
N GLN G 5 25.65 18.43 -5.50
CA GLN G 5 25.80 17.02 -5.84
C GLN G 5 24.73 16.13 -5.18
N GLN G 6 24.10 15.26 -5.95
CA GLN G 6 23.19 14.22 -5.48
C GLN G 6 23.54 12.85 -6.06
N HIS G 7 23.62 11.85 -5.18
CA HIS G 7 23.98 10.47 -5.59
C HIS G 7 23.04 9.47 -4.91
N GLN G 8 22.52 8.49 -5.64
CA GLN G 8 21.67 7.42 -5.13
C GLN G 8 22.10 6.05 -5.68
N GLN G 9 22.03 5.03 -4.84
CA GLN G 9 22.43 3.67 -5.26
C GLN G 9 21.50 2.60 -4.70
N GLN G 10 21.07 1.63 -5.50
CA GLN G 10 20.35 0.44 -5.06
C GLN G 10 21.03 -0.81 -5.63
N HIS G 11 21.70 -1.60 -4.80
CA HIS G 11 22.37 -2.86 -5.24
C HIS G 11 21.55 -4.03 -4.69
N GLN G 12 21.40 -5.10 -5.43
CA GLN G 12 20.61 -6.30 -5.03
C GLN G 12 21.36 -7.53 -5.57
N GLN G 13 21.36 -8.66 -4.91
CA GLN G 13 22.16 -9.88 -5.21
C GLN G 13 21.53 -11.15 -4.65
N HIS G 14 21.76 -12.29 -5.34
CA HIS G 14 21.24 -13.62 -4.93
C HIS G 14 19.80 -13.47 -4.45
N GLN G 15 18.89 -12.91 -5.22
CA GLN G 15 17.50 -12.64 -4.76
C GLN G 15 16.50 -13.61 -5.41
N GLN G 16 15.34 -13.82 -4.80
CA GLN G 16 14.23 -14.66 -5.34
C GLN G 16 12.90 -14.10 -4.84
N HIS G 17 11.83 -14.26 -5.63
CA HIS G 17 10.46 -13.84 -5.23
C HIS G 17 10.46 -12.36 -4.83
N GLN G 18 10.98 -11.46 -5.67
CA GLN G 18 10.84 -9.99 -5.40
C GLN G 18 9.55 -9.54 -6.11
N GLN G 19 8.43 -10.21 -5.82
CA GLN G 19 7.17 -9.92 -6.53
C GLN G 19 6.64 -8.55 -6.08
N GLN G 20 5.89 -7.86 -6.93
CA GLN G 20 5.26 -6.55 -6.65
C GLN G 20 6.25 -5.64 -5.91
N GLN G 21 7.57 -5.73 -6.35
CA GLN G 21 8.63 -4.92 -5.71
C GLN G 21 8.62 -3.53 -6.35
N GLN G 22 8.99 -2.45 -5.57
CA GLN G 22 9.20 -1.14 -6.16
C GLN G 22 10.51 -0.54 -5.68
N LEU G 23 11.37 -0.11 -6.59
CA LEU G 23 12.53 0.71 -6.29
C LEU G 23 12.30 2.09 -6.86
N HIS G 24 12.28 3.10 -6.00
CA HIS G 24 12.03 4.50 -6.42
C HIS G 24 13.30 5.28 -6.13
N GLN G 25 13.79 6.05 -7.08
CA GLN G 25 14.95 6.96 -6.88
C GLN G 25 14.37 8.30 -7.33
N HIS G 26 14.40 9.35 -6.51
CA HIS G 26 13.73 10.63 -6.81
C HIS G 26 14.69 11.75 -6.44
N GLN G 27 14.93 12.71 -7.33
CA GLN G 27 15.87 13.80 -7.08
C GLN G 27 15.34 15.12 -7.62
N GLN G 28 15.46 16.20 -6.85
CA GLN G 28 15.17 17.55 -7.30
C GLN G 28 16.21 18.56 -6.80
N GLN G 29 16.56 19.55 -7.62
CA GLN G 29 17.44 20.66 -7.25
C GLN G 29 16.87 21.97 -7.79
N LEU G 30 16.85 23.02 -6.97
CA LEU G 30 16.24 24.32 -7.30
C LEU G 30 17.18 25.50 -7.01
N SER G 31 16.90 26.64 -7.65
CA SER G 31 17.58 27.93 -7.46
C SER G 31 16.71 29.12 -7.89
N GLN H 1 11.22 -40.72 13.04
CA GLN H 1 9.97 -40.26 12.38
C GLN H 1 9.54 -38.90 12.90
N LEU H 2 9.21 -37.98 12.00
CA LEU H 2 8.74 -36.62 12.31
C LEU H 2 7.48 -36.30 11.48
N HIS H 3 6.46 -35.74 12.16
CA HIS H 3 5.21 -35.28 11.50
C HIS H 3 5.09 -33.80 11.85
N GLN H 4 4.63 -32.95 10.95
CA GLN H 4 4.49 -31.49 11.19
C GLN H 4 3.25 -31.01 10.44
N GLN H 5 2.14 -30.74 11.08
CA GLN H 5 0.89 -30.21 10.51
C GLN H 5 0.67 -28.72 10.85
N GLN H 6 0.35 -27.90 9.85
CA GLN H 6 -0.06 -26.51 10.01
C GLN H 6 -1.35 -26.23 9.25
N HIS H 7 -2.30 -25.57 9.92
CA HIS H 7 -3.62 -25.24 9.32
C HIS H 7 -4.00 -23.81 9.68
N GLN H 8 -4.47 -23.02 8.73
CA GLN H 8 -4.96 -21.66 8.92
C GLN H 8 -6.28 -21.42 8.19
N GLN H 9 -7.17 -20.65 8.82
CA GLN H 9 -8.50 -20.37 8.22
C GLN H 9 -8.92 -18.93 8.45
N GLN H 10 -9.44 -18.24 7.43
CA GLN H 10 -10.07 -16.93 7.54
C GLN H 10 -11.44 -16.96 6.85
N HIS H 11 -12.53 -16.93 7.62
CA HIS H 11 -13.91 -16.93 7.05
C HIS H 11 -14.50 -15.54 7.28
N GLN H 12 -15.25 -15.00 6.34
CA GLN H 12 -15.85 -13.64 6.40
C GLN H 12 -17.24 -13.74 5.76
N GLN H 13 -18.24 -13.01 6.20
CA GLN H 13 -19.67 -13.12 5.79
C GLN H 13 -20.43 -11.81 6.02
N HIS H 14 -21.46 -11.55 5.17
CA HIS H 14 -22.32 -10.35 5.27
C HIS H 14 -21.45 -9.13 5.57
N GLN H 15 -20.43 -8.83 4.80
CA GLN H 15 -19.48 -7.72 5.10
C GLN H 15 -19.70 -6.52 4.16
N GLN H 16 -19.30 -5.33 4.56
CA GLN H 16 -19.36 -4.09 3.73
C GLN H 16 -18.20 -3.16 4.14
N HIS H 17 -17.69 -2.36 3.21
CA HIS H 17 -16.63 -1.37 3.49
C HIS H 17 -15.42 -2.04 4.15
N GLN H 18 -14.89 -3.12 3.57
CA GLN H 18 -13.60 -3.70 4.06
C GLN H 18 -12.48 -3.02 3.28
N GLN H 19 -12.45 -1.69 3.30
CA GLN H 19 -11.46 -0.94 2.48
C GLN H 19 -10.06 -1.12 3.10
N GLN H 20 -9.02 -1.03 2.29
CA GLN H 20 -7.60 -1.12 2.73
C GLN H 20 -7.44 -2.27 3.74
N GLN H 21 -8.18 -3.41 3.47
CA GLN H 21 -8.13 -4.56 4.38
C GLN H 21 -6.92 -5.42 4.01
N GLN H 22 -6.27 -6.12 5.01
CA GLN H 22 -5.25 -7.09 4.70
C GLN H 22 -5.49 -8.39 5.45
N LEU H 23 -5.53 -9.52 4.75
CA LEU H 23 -5.51 -10.84 5.36
C LEU H 23 -4.18 -11.49 5.01
N HIS H 24 -3.39 -11.82 6.03
CA HIS H 24 -2.05 -12.42 5.84
C HIS H 24 -2.11 -13.81 6.43
N GLN H 25 -1.67 -14.83 5.72
CA GLN H 25 -1.55 -16.22 6.22
C GLN H 25 -0.07 -16.52 5.96
N HIS H 26 0.72 -16.91 6.95
CA HIS H 26 2.19 -17.09 6.79
C HIS H 26 2.56 -18.40 7.49
N GLN H 27 3.31 -19.27 6.82
CA GLN H 27 3.69 -20.56 7.39
C GLN H 27 5.12 -20.93 7.03
N GLN H 28 5.90 -21.42 7.99
CA GLN H 28 7.23 -21.97 7.76
C GLN H 28 7.46 -23.26 8.56
N GLN H 29 8.16 -24.23 7.98
CA GLN H 29 8.59 -25.46 8.67
C GLN H 29 10.04 -25.78 8.31
N LEU H 30 10.86 -26.13 9.28
CA LEU H 30 12.30 -26.37 9.12
C LEU H 30 12.76 -27.70 9.74
N SER H 31 13.90 -28.18 9.28
CA SER H 31 14.60 -29.38 9.79
C SER H 31 16.11 -29.37 9.48
N GLN I 1 13.12 -41.36 3.30
CA GLN I 1 11.84 -40.97 2.65
C GLN I 1 11.36 -39.62 3.18
N LEU I 2 10.97 -38.71 2.28
CA LEU I 2 10.43 -37.38 2.60
C LEU I 2 9.15 -37.11 1.80
N HIS I 3 8.12 -36.62 2.48
CA HIS I 3 6.83 -36.22 1.84
C HIS I 3 6.65 -34.74 2.18
N GLN I 4 6.14 -33.92 1.30
CA GLN I 4 5.92 -32.47 1.54
C GLN I 4 4.65 -32.04 0.80
N GLN I 5 3.53 -31.83 1.45
CA GLN I 5 2.26 -31.36 0.90
C GLN I 5 1.98 -29.90 1.24
N GLN I 6 1.60 -29.09 0.25
CA GLN I 6 1.12 -27.72 0.41
C GLN I 6 -0.19 -27.51 -0.34
N HIS I 7 -1.16 -26.90 0.35
CA HIS I 7 -2.50 -26.64 -0.22
C HIS I 7 -2.96 -25.22 0.13
N GLN I 8 -3.48 -24.46 -0.82
CA GLN I 8 -4.03 -23.11 -0.62
C GLN I 8 -5.37 -22.95 -1.34
N GLN I 9 -6.29 -22.23 -0.69
CA GLN I 9 -7.63 -22.01 -1.27
C GLN I 9 -8.13 -20.58 -1.04
N GLN I 10 -8.69 -19.93 -2.05
CA GLN I 10 -9.39 -18.65 -1.93
C GLN I 10 -10.77 -18.75 -2.60
N HIS I 11 -11.85 -18.78 -1.82
CA HIS I 11 -13.23 -18.85 -2.37
C HIS I 11 -13.88 -17.48 -2.15
N GLN I 12 -14.66 -16.99 -3.06
CA GLN I 12 -15.33 -15.67 -2.99
C GLN I 12 -16.74 -15.83 -3.63
N GLN I 13 -17.76 -15.15 -3.17
CA GLN I 13 -19.19 -15.32 -3.56
C GLN I 13 -20.01 -14.06 -3.32
N HIS I 14 -21.05 -13.85 -4.15
CA HIS I 14 -21.97 -12.70 -4.05
C HIS I 14 -21.16 -11.44 -3.76
N GLN I 15 -20.18 -11.08 -4.55
CA GLN I 15 -19.28 -9.93 -4.25
C GLN I 15 -19.57 -8.74 -5.19
N GLN I 16 -19.22 -7.52 -4.80
CA GLN I 16 -19.35 -6.30 -5.62
C GLN I 16 -18.24 -5.32 -5.23
N HIS I 17 -17.77 -4.49 -6.18
CA HIS I 17 -16.77 -3.44 -5.91
C HIS I 17 -15.51 -4.05 -5.27
N GLN I 18 -14.94 -5.11 -5.86
CA GLN I 18 -13.61 -5.62 -5.37
C GLN I 18 -12.53 -4.89 -6.17
N GLN I 19 -12.57 -3.55 -6.15
CA GLN I 19 -11.63 -2.76 -6.98
C GLN I 19 -10.22 -2.87 -6.39
N GLN I 20 -9.19 -2.73 -7.21
CA GLN I 20 -7.77 -2.76 -6.79
C GLN I 20 -7.53 -3.89 -5.78
N GLN I 21 -8.23 -5.05 -6.04
CA GLN I 21 -8.11 -6.21 -5.12
C GLN I 21 -6.86 -7.00 -5.51
N GLN I 22 -6.17 -7.67 -4.53
CA GLN I 22 -5.10 -8.60 -4.84
C GLN I 22 -5.27 -9.89 -4.09
N LEU I 23 -5.26 -11.02 -4.78
CA LEU I 23 -5.16 -12.35 -4.18
C LEU I 23 -3.81 -12.94 -4.54
N HIS I 24 -2.99 -13.22 -3.54
CA HIS I 24 -1.63 -13.75 -3.74
C HIS I 24 -1.61 -15.15 -3.14
N GLN I 25 -1.12 -16.14 -3.87
CA GLN I 25 -0.93 -17.52 -3.35
C GLN I 25 0.56 -17.76 -3.65
N HIS I 26 1.38 -18.10 -2.67
CA HIS I 26 2.85 -18.21 -2.84
C HIS I 26 3.30 -19.49 -2.15
N GLN I 27 4.08 -20.33 -2.82
CA GLN I 27 4.53 -21.60 -2.26
C GLN I 27 5.98 -21.89 -2.65
N GLN I 28 6.78 -22.34 -1.70
CA GLN I 28 8.14 -22.83 -1.95
C GLN I 28 8.45 -24.10 -1.15
N GLN I 29 9.19 -25.04 -1.72
CA GLN I 29 9.68 -26.25 -1.05
C GLN I 29 11.14 -26.49 -1.43
N LEU I 30 11.99 -26.81 -0.46
CA LEU I 30 13.45 -26.96 -0.64
C LEU I 30 13.97 -28.28 -0.03
N SER I 31 15.14 -28.71 -0.50
CA SER I 31 15.91 -29.87 0.00
C SER I 31 17.40 -29.78 -0.34
#